data_6EL2
#
_entry.id   6EL2
#
_cell.length_a   46.000
_cell.length_b   91.780
_cell.length_c   53.520
_cell.angle_alpha   90.00
_cell.angle_beta   112.11
_cell.angle_gamma   90.00
#
_symmetry.space_group_name_H-M   'P 1 21 1'
#
loop_
_entity.id
_entity.type
_entity.pdbx_description
1 polymer 'Transcriptional regulator TetR family'
2 non-polymer DODECYL-COA
3 water water
#
_entity_poly.entity_id   1
_entity_poly.type   'polypeptide(L)'
_entity_poly.pdbx_seq_one_letter_code
;MMYRAPKTEKGKESLNKILDASVELIADKGFLSTSINDITSKAGVAYGLFYFYFKSKHDILDEIIRQFNRNMRYYLKTYT
QNLDSRIDVEKVGMKKFLEWMNENKKYYKIFIETQVHRPDIYKWHFMKLAERYTTGLSEAMRRGEIINVDPELLSYVLIG
IAHMLGKRYVLWSNSGLTLKQQRDLDLIIENMLTPR
;
_entity_poly.pdbx_strand_id   A,B
#
# COMPACT_ATOMS: atom_id res chain seq x y z
N SER A 14 -3.79 31.33 13.18
CA SER A 14 -5.08 30.60 13.45
C SER A 14 -5.27 29.42 12.49
N LEU A 15 -4.88 29.60 11.24
CA LEU A 15 -4.79 28.52 10.30
C LEU A 15 -3.93 27.37 10.85
N ASN A 16 -2.74 27.70 11.32
CA ASN A 16 -1.78 26.71 11.83
C ASN A 16 -2.23 25.97 13.05
N LYS A 17 -2.95 26.67 13.90
CA LYS A 17 -3.57 26.08 15.08
C LYS A 17 -4.67 25.08 14.67
N ILE A 18 -5.47 25.47 13.70
CA ILE A 18 -6.50 24.58 13.13
C ILE A 18 -5.84 23.31 12.59
N LEU A 19 -4.78 23.49 11.84
CA LEU A 19 -4.05 22.36 11.30
C LEU A 19 -3.49 21.42 12.36
N ASP A 20 -2.82 21.95 13.37
CA ASP A 20 -2.27 21.16 14.44
C ASP A 20 -3.34 20.44 15.25
N ALA A 21 -4.44 21.13 15.55
CA ALA A 21 -5.54 20.51 16.26
C ALA A 21 -6.13 19.34 15.45
N SER A 22 -6.32 19.56 14.15
CA SER A 22 -6.91 18.55 13.27
C SER A 22 -6.10 17.22 13.22
N VAL A 23 -4.80 17.37 13.10
CA VAL A 23 -3.90 16.26 13.06
C VAL A 23 -4.06 15.36 14.30
N GLU A 24 -4.07 15.98 15.47
CA GLU A 24 -4.16 15.22 16.73
C GLU A 24 -5.51 14.55 16.85
N LEU A 25 -6.56 15.26 16.47
CA LEU A 25 -7.90 14.72 16.64
C LEU A 25 -8.17 13.57 15.64
N ILE A 26 -7.80 13.77 14.37
CA ILE A 26 -8.05 12.77 13.34
C ILE A 26 -7.26 11.47 13.64
N ALA A 27 -6.00 11.62 14.00
CA ALA A 27 -5.19 10.51 14.40
C ALA A 27 -5.84 9.76 15.56
N ASP A 28 -6.33 10.48 16.56
CA ASP A 28 -7.07 9.94 17.72
C ASP A 28 -8.41 9.24 17.41
N LYS A 29 -9.36 9.96 16.87
CA LYS A 29 -10.72 9.46 16.77
C LYS A 29 -11.09 9.02 15.35
N GLY A 30 -10.21 9.27 14.39
CA GLY A 30 -10.56 9.12 13.00
C GLY A 30 -11.24 10.35 12.46
N PHE A 31 -11.48 10.31 11.17
CA PHE A 31 -12.04 11.42 10.44
C PHE A 31 -13.53 11.66 10.73
N LEU A 32 -14.34 10.63 10.65
CA LEU A 32 -15.77 10.81 10.72
C LEU A 32 -16.20 11.24 12.08
N SER A 33 -15.49 10.83 13.12
CA SER A 33 -15.85 11.25 14.47
C SER A 33 -15.45 12.68 14.82
N THR A 34 -14.42 13.22 14.19
CA THR A 34 -13.90 14.58 14.45
C THR A 34 -14.80 15.64 13.73
N SER A 35 -15.48 16.44 14.54
CA SER A 35 -16.30 17.56 14.08
C SER A 35 -15.45 18.87 13.96
N ILE A 36 -15.94 19.79 13.16
CA ILE A 36 -15.29 21.08 12.99
C ILE A 36 -15.25 21.77 14.36
N ASN A 37 -16.32 21.66 15.09
CA ASN A 37 -16.32 22.07 16.49
C ASN A 37 -15.20 21.56 17.40
N ASP A 38 -14.94 20.25 17.38
CA ASP A 38 -13.82 19.71 18.14
C ASP A 38 -12.57 20.45 17.71
N ILE A 39 -12.36 20.57 16.41
CA ILE A 39 -11.11 21.13 15.88
C ILE A 39 -10.94 22.58 16.37
N THR A 40 -11.98 23.39 16.23
CA THR A 40 -11.86 24.86 16.51
C THR A 40 -11.81 25.05 18.01
N SER A 41 -12.64 24.31 18.75
CA SER A 41 -12.47 24.18 20.22
C SER A 41 -11.06 23.88 20.67
N LYS A 42 -10.51 22.74 20.27
CA LYS A 42 -9.14 22.36 20.66
C LYS A 42 -8.09 23.35 20.16
N ALA A 43 -8.32 23.96 19.01
CA ALA A 43 -7.36 24.91 18.46
C ALA A 43 -7.43 26.27 19.25
N GLY A 44 -8.61 26.58 19.80
CA GLY A 44 -8.83 27.84 20.48
C GLY A 44 -8.96 28.99 19.48
N VAL A 45 -9.68 28.78 18.37
CA VAL A 45 -9.98 29.83 17.39
C VAL A 45 -11.50 29.89 17.22
N ALA A 46 -11.97 31.00 16.69
CA ALA A 46 -13.36 31.17 16.28
C ALA A 46 -13.79 30.12 15.26
N TYR A 47 -14.92 29.50 15.57
CA TYR A 47 -15.49 28.40 14.80
C TYR A 47 -15.66 28.82 13.35
N GLY A 48 -16.13 30.07 13.12
CA GLY A 48 -16.31 30.62 11.79
C GLY A 48 -15.10 30.61 10.86
N LEU A 49 -13.91 30.67 11.43
CA LEU A 49 -12.68 30.71 10.61
C LEU A 49 -12.38 29.44 9.84
N PHE A 50 -12.83 28.31 10.39
CA PHE A 50 -12.68 27.05 9.72
C PHE A 50 -13.26 27.09 8.30
N TYR A 51 -14.52 27.55 8.20
CA TYR A 51 -15.25 27.60 6.93
C TYR A 51 -14.66 28.57 5.95
N PHE A 52 -13.98 29.59 6.46
CA PHE A 52 -13.29 30.51 5.58
C PHE A 52 -12.13 29.77 4.92
N TYR A 53 -11.29 29.08 5.70
CA TYR A 53 -10.11 28.39 5.11
C TYR A 53 -10.42 27.10 4.40
N PHE A 54 -11.58 26.50 4.63
CA PHE A 54 -11.89 25.19 4.13
C PHE A 54 -13.36 25.08 3.84
N LYS A 55 -13.74 25.10 2.56
CA LYS A 55 -15.14 24.89 2.15
C LYS A 55 -15.79 23.64 2.76
N SER A 56 -15.12 22.48 2.68
CA SER A 56 -15.60 21.28 3.39
C SER A 56 -14.53 20.69 4.30
N LYS A 57 -14.99 19.96 5.32
CA LYS A 57 -14.12 19.34 6.29
C LYS A 57 -12.99 18.53 5.65
N HIS A 58 -13.25 17.87 4.51
CA HIS A 58 -12.19 17.06 3.92
C HIS A 58 -11.11 17.88 3.25
N ASP A 59 -11.36 19.14 2.97
CA ASP A 59 -10.32 19.95 2.41
C ASP A 59 -9.16 20.09 3.39
N ILE A 60 -9.36 19.89 4.69
CA ILE A 60 -8.21 19.99 5.63
C ILE A 60 -7.05 18.95 5.38
N LEU A 61 -7.47 17.78 4.92
CA LEU A 61 -6.54 16.65 4.64
C LEU A 61 -5.50 17.04 3.63
N ASP A 62 -5.91 17.87 2.68
CA ASP A 62 -5.00 18.28 1.62
C ASP A 62 -3.78 18.95 2.19
N GLU A 63 -3.96 19.90 3.10
CA GLU A 63 -2.81 20.64 3.62
C GLU A 63 -2.01 19.82 4.64
N ILE A 64 -2.73 18.98 5.36
CA ILE A 64 -2.06 18.05 6.29
C ILE A 64 -1.07 17.11 5.56
N ILE A 65 -1.58 16.43 4.53
CA ILE A 65 -0.74 15.52 3.75
C ILE A 65 0.41 16.23 3.08
N ARG A 66 0.16 17.46 2.60
CA ARG A 66 1.28 18.30 2.06
C ARG A 66 2.36 18.55 3.08
N GLN A 67 1.96 18.87 4.31
CA GLN A 67 2.99 19.06 5.39
C GLN A 67 3.75 17.79 5.73
N PHE A 68 3.01 16.69 5.88
CA PHE A 68 3.67 15.41 6.14
C PHE A 68 4.64 15.04 5.01
N ASN A 69 4.21 15.30 3.77
CA ASN A 69 5.05 14.95 2.61
C ASN A 69 6.35 15.74 2.62
N ARG A 70 6.19 17.05 2.78
CA ARG A 70 7.32 17.96 3.02
C ARG A 70 8.21 17.57 4.19
N ASN A 71 7.65 17.32 5.37
CA ASN A 71 8.48 16.90 6.54
C ASN A 71 9.16 15.61 6.31
N MET A 72 8.48 14.64 5.70
CA MET A 72 9.10 13.29 5.55
C MET A 72 10.30 13.47 4.59
N ARG A 73 10.07 14.20 3.51
CA ARG A 73 11.18 14.40 2.52
C ARG A 73 12.40 15.14 3.06
N TYR A 74 12.18 16.25 3.77
CA TYR A 74 13.27 16.95 4.51
C TYR A 74 14.00 16.02 5.43
N TYR A 75 13.24 15.31 6.28
CA TYR A 75 13.86 14.33 7.19
C TYR A 75 14.80 13.45 6.43
N LEU A 76 14.28 12.75 5.42
CA LEU A 76 15.10 11.82 4.63
C LEU A 76 16.21 12.59 3.91
N LYS A 77 15.90 13.73 3.33
CA LYS A 77 16.96 14.48 2.61
C LYS A 77 18.16 14.79 3.52
N THR A 78 17.88 15.30 4.71
CA THR A 78 18.94 15.42 5.76
C THR A 78 19.91 14.24 5.80
N TYR A 79 19.40 13.03 5.73
CA TYR A 79 20.24 11.83 5.87
C TYR A 79 20.82 11.34 4.54
N THR A 80 20.20 11.74 3.42
CA THR A 80 20.65 11.25 2.11
C THR A 80 21.54 12.22 1.34
N GLN A 81 21.48 13.52 1.60
CA GLN A 81 22.29 14.45 0.82
C GLN A 81 23.79 14.42 1.12
N ASN A 82 24.19 13.81 2.23
CA ASN A 82 25.59 13.73 2.63
C ASN A 82 26.23 12.39 2.22
N LEU A 83 25.67 11.71 1.22
CA LEU A 83 26.04 10.33 0.92
C LEU A 83 26.57 10.17 -0.49
N ASP A 84 27.35 9.11 -0.69
CA ASP A 84 28.11 8.88 -1.92
C ASP A 84 27.35 8.15 -3.08
N SER A 85 27.47 6.82 -3.08
CA SER A 85 26.74 5.94 -3.90
C SER A 85 25.26 6.24 -3.75
N ARG A 86 24.57 6.40 -4.86
CA ARG A 86 23.11 6.24 -4.90
C ARG A 86 22.64 4.92 -4.23
N ILE A 87 23.43 3.86 -4.32
CA ILE A 87 23.07 2.65 -3.59
C ILE A 87 23.12 2.78 -2.05
N ASP A 88 24.03 3.62 -1.56
CA ASP A 88 24.05 3.95 -0.13
C ASP A 88 22.83 4.79 0.15
N VAL A 89 22.49 5.71 -0.74
CA VAL A 89 21.32 6.55 -0.55
C VAL A 89 20.04 5.71 -0.32
N GLU A 90 19.90 4.65 -1.09
CA GLU A 90 18.75 3.79 -1.01
C GLU A 90 18.76 3.02 0.29
N LYS A 91 19.91 2.47 0.67
CA LYS A 91 20.00 1.65 1.89
C LYS A 91 19.73 2.43 3.17
N VAL A 92 20.34 3.59 3.22
CA VAL A 92 20.23 4.49 4.33
C VAL A 92 18.85 5.07 4.36
N GLY A 93 18.40 5.60 3.24
CA GLY A 93 17.07 6.17 3.04
C GLY A 93 15.92 5.29 3.52
N MET A 94 15.95 4.03 3.12
CA MET A 94 15.03 3.02 3.55
C MET A 94 15.03 2.82 5.07
N LYS A 95 16.21 2.58 5.66
CA LYS A 95 16.42 2.49 7.13
C LYS A 95 15.84 3.65 7.84
N LYS A 96 16.09 4.85 7.30
CA LYS A 96 15.62 6.07 7.90
C LYS A 96 14.11 6.30 7.76
N PHE A 97 13.54 5.86 6.63
CA PHE A 97 12.12 5.90 6.53
C PHE A 97 11.49 5.06 7.61
N LEU A 98 12.00 3.85 7.83
CA LEU A 98 11.37 3.01 8.88
C LEU A 98 11.44 3.65 10.32
N GLU A 99 12.54 4.35 10.60
CA GLU A 99 12.67 5.17 11.84
C GLU A 99 11.69 6.33 11.90
N TRP A 100 11.59 7.07 10.80
CA TRP A 100 10.62 8.09 10.64
C TRP A 100 9.19 7.55 10.88
N MET A 101 8.83 6.42 10.26
CA MET A 101 7.46 5.89 10.35
C MET A 101 7.18 5.53 11.81
N ASN A 102 8.18 4.96 12.47
CA ASN A 102 8.08 4.68 13.91
C ASN A 102 7.87 5.91 14.75
N GLU A 103 8.60 6.99 14.48
CA GLU A 103 8.33 8.27 15.19
C GLU A 103 6.97 8.78 14.89
N ASN A 104 6.45 8.62 13.67
CA ASN A 104 5.16 9.17 13.28
C ASN A 104 3.97 8.18 13.20
N LYS A 105 4.14 6.98 13.75
CA LYS A 105 3.16 5.91 13.66
C LYS A 105 1.72 6.28 14.17
N LYS A 106 1.62 7.10 15.19
CA LYS A 106 0.29 7.67 15.65
C LYS A 106 -0.52 8.29 14.54
N TYR A 107 0.16 8.86 13.57
CA TYR A 107 -0.43 9.63 12.50
C TYR A 107 -0.83 8.88 11.24
N TYR A 108 -0.45 7.58 11.14
CA TYR A 108 -0.74 6.79 9.99
C TYR A 108 -2.25 6.68 9.73
N LYS A 109 -3.06 6.67 10.75
CA LYS A 109 -4.49 6.73 10.56
C LYS A 109 -4.95 7.90 9.63
N ILE A 110 -4.25 9.02 9.63
CA ILE A 110 -4.63 10.16 8.77
C ILE A 110 -4.51 9.77 7.28
N PHE A 111 -3.39 9.12 6.99
CA PHE A 111 -3.10 8.66 5.64
C PHE A 111 -4.14 7.66 5.16
N ILE A 112 -4.50 6.68 6.01
CA ILE A 112 -5.55 5.70 5.69
C ILE A 112 -6.87 6.42 5.35
N GLU A 113 -7.18 7.45 6.13
CA GLU A 113 -8.44 8.22 5.95
C GLU A 113 -8.44 9.07 4.69
N THR A 114 -7.27 9.59 4.33
CA THR A 114 -7.07 10.36 3.10
C THR A 114 -7.36 9.49 1.89
N GLN A 115 -6.92 8.22 1.92
CA GLN A 115 -7.20 7.33 0.83
C GLN A 115 -8.70 7.16 0.64
N VAL A 116 -9.47 7.18 1.74
CA VAL A 116 -10.96 7.06 1.67
C VAL A 116 -11.61 8.35 1.23
N HIS A 117 -11.26 9.47 1.89
CA HIS A 117 -11.99 10.72 1.73
C HIS A 117 -11.36 11.70 0.77
N ARG A 118 -10.08 11.61 0.47
CA ARG A 118 -9.45 12.48 -0.54
C ARG A 118 -8.42 11.73 -1.36
N PRO A 119 -8.88 10.83 -2.27
CA PRO A 119 -7.97 9.95 -3.03
C PRO A 119 -6.91 10.71 -3.87
N ASP A 120 -7.32 11.86 -4.43
CA ASP A 120 -6.45 12.75 -5.17
C ASP A 120 -5.23 13.21 -4.39
N ILE A 121 -5.38 13.53 -3.11
CA ILE A 121 -4.20 13.95 -2.38
C ILE A 121 -3.33 12.77 -1.97
N TYR A 122 -3.94 11.64 -1.73
CA TYR A 122 -3.18 10.39 -1.49
C TYR A 122 -2.27 10.04 -2.66
N LYS A 123 -2.84 10.01 -3.88
CA LYS A 123 -2.06 9.91 -5.16
C LYS A 123 -0.98 10.96 -5.28
N TRP A 124 -1.37 12.23 -5.09
CA TRP A 124 -0.41 13.36 -5.10
C TRP A 124 0.85 13.09 -4.25
N HIS A 125 0.65 12.57 -3.03
CA HIS A 125 1.75 12.28 -2.10
C HIS A 125 2.78 11.37 -2.71
N PHE A 126 2.28 10.26 -3.26
CA PHE A 126 3.18 9.30 -3.87
C PHE A 126 3.77 9.83 -5.17
N MET A 127 2.98 10.54 -5.96
CA MET A 127 3.47 11.05 -7.28
C MET A 127 4.54 12.11 -7.07
N LYS A 128 4.37 12.94 -6.04
CA LYS A 128 5.36 13.97 -5.66
C LYS A 128 6.63 13.32 -5.16
N LEU A 129 6.49 12.37 -4.28
CA LEU A 129 7.64 11.62 -3.84
C LEU A 129 8.39 10.95 -5.04
N ALA A 130 7.64 10.30 -5.91
CA ALA A 130 8.20 9.65 -7.12
C ALA A 130 8.95 10.65 -8.04
N GLU A 131 8.42 11.85 -8.15
CA GLU A 131 9.01 12.88 -9.03
C GLU A 131 10.39 13.27 -8.51
N ARG A 132 10.46 13.50 -7.21
CA ARG A 132 11.75 13.75 -6.59
C ARG A 132 12.72 12.59 -6.74
N TYR A 133 12.22 11.38 -6.59
CA TYR A 133 13.02 10.13 -6.60
C TYR A 133 13.55 9.77 -8.01
N THR A 134 12.72 10.04 -9.00
CA THR A 134 13.04 9.78 -10.42
C THR A 134 14.31 10.52 -10.85
N THR A 135 14.38 11.81 -10.52
CA THR A 135 15.54 12.66 -10.81
C THR A 135 16.83 12.06 -10.27
N GLY A 136 16.80 11.69 -8.99
CA GLY A 136 17.96 11.16 -8.33
C GLY A 136 18.40 9.88 -8.95
N LEU A 137 17.44 8.99 -9.25
CA LEU A 137 17.77 7.70 -9.88
C LEU A 137 18.25 7.89 -11.34
N SER A 138 17.63 8.81 -12.10
CA SER A 138 18.13 9.08 -13.49
C SER A 138 19.61 9.50 -13.49
N GLU A 139 20.00 10.36 -12.54
CA GLU A 139 21.39 10.78 -12.41
C GLU A 139 22.31 9.61 -12.14
N ALA A 140 21.90 8.66 -11.30
CA ALA A 140 22.75 7.52 -11.03
C ALA A 140 22.83 6.57 -12.20
N MET A 141 21.73 6.47 -12.97
CA MET A 141 21.73 5.63 -14.17
C MET A 141 22.74 6.16 -15.17
N ARG A 142 22.75 7.47 -15.34
CA ARG A 142 23.65 8.14 -16.29
C ARG A 142 25.12 7.97 -15.95
N ARG A 143 25.46 7.75 -14.67
CA ARG A 143 26.84 7.42 -14.23
C ARG A 143 27.21 5.99 -14.36
N GLY A 144 26.26 5.13 -14.67
CA GLY A 144 26.53 3.71 -14.64
C GLY A 144 26.48 3.05 -13.27
N GLU A 145 25.91 3.75 -12.30
CA GLU A 145 25.97 3.31 -10.90
C GLU A 145 24.87 2.27 -10.61
N ILE A 146 23.72 2.46 -11.24
CA ILE A 146 22.62 1.55 -11.07
C ILE A 146 22.07 1.08 -12.41
N ILE A 147 21.40 -0.09 -12.37
CA ILE A 147 20.73 -0.68 -13.54
C ILE A 147 19.96 0.36 -14.33
N ASN A 148 20.05 0.26 -15.67
CA ASN A 148 19.44 1.22 -16.54
C ASN A 148 18.05 0.72 -16.94
N VAL A 149 17.03 1.34 -16.35
CA VAL A 149 15.62 0.94 -16.45
C VAL A 149 14.78 2.18 -16.36
N ASP A 150 13.49 2.09 -16.69
CA ASP A 150 12.61 3.25 -16.57
C ASP A 150 12.73 3.76 -15.11
N PRO A 151 13.14 5.02 -14.91
CA PRO A 151 13.43 5.47 -13.56
C PRO A 151 12.20 5.85 -12.72
N GLU A 152 11.11 6.25 -13.34
CA GLU A 152 9.85 6.32 -12.66
C GLU A 152 9.42 4.89 -12.08
N LEU A 153 9.42 3.86 -12.94
CA LEU A 153 9.07 2.48 -12.57
C LEU A 153 9.91 2.04 -11.35
N LEU A 154 11.22 2.22 -11.45
CA LEU A 154 12.11 1.87 -10.37
C LEU A 154 11.82 2.65 -9.05
N SER A 155 11.45 3.92 -9.15
CA SER A 155 11.06 4.70 -7.99
C SER A 155 9.85 4.03 -7.27
N TYR A 156 8.82 3.62 -8.04
CA TYR A 156 7.61 2.97 -7.47
C TYR A 156 7.93 1.61 -6.88
N VAL A 157 8.88 0.90 -7.49
CA VAL A 157 9.35 -0.35 -6.94
C VAL A 157 9.92 -0.11 -5.56
N LEU A 158 10.85 0.84 -5.43
CA LEU A 158 11.50 1.21 -4.15
C LEU A 158 10.54 1.80 -3.09
N ILE A 159 9.70 2.76 -3.49
CA ILE A 159 8.63 3.27 -2.63
C ILE A 159 7.68 2.13 -2.11
N GLY A 160 7.28 1.19 -2.99
CA GLY A 160 6.35 0.10 -2.69
C GLY A 160 6.93 -0.81 -1.62
N ILE A 161 8.20 -1.11 -1.78
CA ILE A 161 8.97 -1.84 -0.78
C ILE A 161 8.96 -1.09 0.59
N ALA A 162 9.20 0.20 0.57
CA ALA A 162 9.32 0.93 1.81
C ALA A 162 7.98 0.98 2.52
N HIS A 163 6.92 1.26 1.76
CA HIS A 163 5.62 1.39 2.33
C HIS A 163 5.20 0.05 3.04
N MET A 164 5.36 -1.07 2.30
CA MET A 164 4.88 -2.36 2.79
C MET A 164 5.72 -2.79 4.05
N LEU A 165 7.04 -2.55 4.05
CA LEU A 165 7.86 -2.91 5.24
C LEU A 165 7.51 -2.01 6.41
N GLY A 166 7.26 -0.76 6.12
CA GLY A 166 6.74 0.11 7.14
C GLY A 166 5.45 -0.36 7.78
N LYS A 167 4.51 -0.82 6.98
CA LYS A 167 3.30 -1.45 7.52
C LYS A 167 3.57 -2.72 8.34
N ARG A 168 4.25 -3.70 7.76
CA ARG A 168 4.49 -4.95 8.48
C ARG A 168 5.36 -4.84 9.76
N TYR A 169 6.45 -4.09 9.67
CA TYR A 169 7.49 -4.07 10.72
C TYR A 169 7.48 -2.87 11.68
N VAL A 170 6.68 -1.85 11.36
CA VAL A 170 6.54 -0.70 12.19
C VAL A 170 5.08 -0.44 12.63
N LEU A 171 4.09 -0.58 11.75
CA LEU A 171 2.71 -0.26 12.08
C LEU A 171 2.03 -1.46 12.70
N TRP A 172 2.19 -2.64 12.11
CA TRP A 172 1.45 -3.80 12.63
C TRP A 172 2.23 -4.58 13.67
N SER A 173 3.43 -4.12 13.96
CA SER A 173 4.29 -4.74 14.90
C SER A 173 5.11 -3.57 15.40
N ASN A 174 5.59 -3.56 16.62
CA ASN A 174 6.55 -2.48 16.94
C ASN A 174 7.93 -3.10 17.18
N SER A 175 8.19 -4.24 16.53
CA SER A 175 9.48 -4.91 16.56
C SER A 175 10.56 -4.13 15.80
N GLY A 176 10.21 -3.51 14.68
CA GLY A 176 11.19 -2.91 13.77
C GLY A 176 11.87 -4.10 13.14
N LEU A 177 13.02 -3.88 12.54
CA LEU A 177 13.75 -4.99 11.95
C LEU A 177 14.92 -5.49 12.89
N THR A 178 15.14 -6.79 12.97
CA THR A 178 16.35 -7.27 13.63
C THR A 178 17.59 -6.75 12.85
N LEU A 179 18.76 -6.87 13.47
CA LEU A 179 20.05 -6.73 12.72
C LEU A 179 20.09 -7.71 11.52
N LYS A 180 19.72 -8.98 11.67
CA LYS A 180 19.79 -9.92 10.57
C LYS A 180 18.87 -9.48 9.37
N GLN A 181 17.66 -8.98 9.66
CA GLN A 181 16.72 -8.47 8.63
C GLN A 181 17.22 -7.20 7.98
N GLN A 182 17.81 -6.35 8.79
CA GLN A 182 18.41 -5.12 8.26
C GLN A 182 19.60 -5.41 7.28
N ARG A 183 20.40 -6.44 7.58
CA ARG A 183 21.46 -6.88 6.68
C ARG A 183 20.89 -7.55 5.42
N ASP A 184 19.84 -8.37 5.57
CA ASP A 184 19.14 -8.99 4.44
C ASP A 184 18.55 -8.00 3.48
N LEU A 185 17.91 -6.96 4.03
CA LEU A 185 17.32 -5.89 3.28
C LEU A 185 18.39 -5.08 2.51
N ASP A 186 19.52 -4.79 3.13
CA ASP A 186 20.65 -4.15 2.40
C ASP A 186 21.13 -4.93 1.19
N LEU A 187 21.24 -6.24 1.36
CA LEU A 187 21.53 -7.23 0.36
C LEU A 187 20.51 -7.36 -0.77
N ILE A 188 19.24 -7.41 -0.40
CA ILE A 188 18.17 -7.24 -1.37
C ILE A 188 18.33 -5.98 -2.24
N ILE A 189 18.50 -4.83 -1.64
CA ILE A 189 18.62 -3.57 -2.39
C ILE A 189 19.87 -3.47 -3.29
N GLU A 190 21.02 -3.83 -2.77
CA GLU A 190 22.25 -3.88 -3.59
C GLU A 190 22.15 -4.84 -4.74
N ASN A 191 21.71 -6.06 -4.47
CA ASN A 191 21.48 -7.06 -5.50
C ASN A 191 20.49 -6.57 -6.58
N MET A 192 19.43 -5.86 -6.19
CA MET A 192 18.46 -5.36 -7.16
C MET A 192 19.06 -4.28 -8.05
N LEU A 193 19.81 -3.39 -7.44
CA LEU A 193 20.26 -2.20 -8.14
C LEU A 193 21.62 -2.27 -8.87
N THR A 194 22.47 -3.20 -8.52
CA THR A 194 23.82 -3.20 -9.08
C THR A 194 23.85 -3.90 -10.44
N PRO A 195 24.23 -3.17 -11.49
CA PRO A 195 24.44 -3.73 -12.82
C PRO A 195 25.23 -5.02 -12.74
N ARG A 196 24.84 -6.07 -13.43
CA ARG A 196 25.57 -7.33 -13.25
C ARG A 196 27.02 -7.36 -13.80
N GLU B 13 -26.51 -20.48 -1.53
CA GLU B 13 -27.02 -19.77 -2.75
C GLU B 13 -27.67 -18.44 -2.43
N SER B 14 -28.55 -18.40 -1.44
CA SER B 14 -28.89 -17.13 -0.79
C SER B 14 -27.66 -16.39 -0.33
N LEU B 15 -26.74 -17.13 0.30
CA LEU B 15 -25.50 -16.55 0.78
C LEU B 15 -24.70 -15.98 -0.37
N ASN B 16 -24.55 -16.74 -1.44
CA ASN B 16 -23.87 -16.19 -2.61
C ASN B 16 -24.53 -14.98 -3.26
N LYS B 17 -25.88 -14.90 -3.28
CA LYS B 17 -26.53 -13.70 -3.82
C LYS B 17 -26.25 -12.49 -2.96
N ILE B 18 -26.29 -12.67 -1.64
CA ILE B 18 -26.01 -11.59 -0.70
C ILE B 18 -24.58 -11.10 -0.91
N LEU B 19 -23.65 -12.02 -0.99
CA LEU B 19 -22.25 -11.61 -1.17
C LEU B 19 -22.04 -10.86 -2.47
N ASP B 20 -22.56 -11.37 -3.59
CA ASP B 20 -22.42 -10.66 -4.87
C ASP B 20 -23.05 -9.30 -4.89
N ALA B 21 -24.22 -9.18 -4.29
CA ALA B 21 -24.86 -7.86 -4.17
C ALA B 21 -24.06 -6.88 -3.32
N SER B 22 -23.53 -7.39 -2.22
CA SER B 22 -22.73 -6.51 -1.34
C SER B 22 -21.48 -6.00 -2.04
N VAL B 23 -20.83 -6.89 -2.78
CA VAL B 23 -19.59 -6.50 -3.48
C VAL B 23 -19.93 -5.39 -4.43
N GLU B 24 -21.01 -5.59 -5.20
CA GLU B 24 -21.32 -4.57 -6.18
C GLU B 24 -21.68 -3.26 -5.55
N LEU B 25 -22.47 -3.31 -4.48
CA LEU B 25 -22.96 -2.04 -3.87
C LEU B 25 -21.87 -1.24 -3.13
N ILE B 26 -21.02 -1.96 -2.39
CA ILE B 26 -19.89 -1.36 -1.64
C ILE B 26 -18.87 -0.73 -2.62
N ALA B 27 -18.60 -1.40 -3.74
CA ALA B 27 -17.69 -0.86 -4.79
C ALA B 27 -18.22 0.41 -5.35
N ASP B 28 -19.53 0.47 -5.55
CA ASP B 28 -20.20 1.64 -6.13
C ASP B 28 -20.41 2.77 -5.11
N LYS B 29 -21.04 2.50 -3.97
CA LYS B 29 -21.43 3.56 -3.06
C LYS B 29 -20.54 3.72 -1.86
N GLY B 30 -19.61 2.79 -1.61
CA GLY B 30 -18.93 2.75 -0.32
C GLY B 30 -19.74 1.97 0.70
N PHE B 31 -19.07 1.62 1.78
CA PHE B 31 -19.54 0.77 2.85
C PHE B 31 -20.62 1.46 3.70
N LEU B 32 -20.44 2.74 3.98
CA LEU B 32 -21.33 3.42 4.90
C LEU B 32 -22.69 3.63 4.24
N SER B 33 -22.69 4.09 3.02
CA SER B 33 -23.95 4.24 2.27
C SER B 33 -24.73 3.01 1.87
N THR B 34 -24.14 1.84 1.94
CA THR B 34 -24.81 0.61 1.55
C THR B 34 -25.52 0.11 2.78
N SER B 35 -26.84 -0.07 2.68
CA SER B 35 -27.66 -0.49 3.84
C SER B 35 -27.92 -1.98 3.63
N ILE B 36 -28.41 -2.65 4.65
CA ILE B 36 -28.73 -4.06 4.53
C ILE B 36 -29.93 -4.25 3.60
N ASN B 37 -30.82 -3.26 3.61
CA ASN B 37 -31.98 -3.23 2.70
C ASN B 37 -31.57 -3.24 1.23
N ASP B 38 -30.62 -2.38 0.87
CA ASP B 38 -30.01 -2.35 -0.49
C ASP B 38 -29.51 -3.75 -0.84
N ILE B 39 -28.79 -4.37 0.09
CA ILE B 39 -28.12 -5.64 -0.15
C ILE B 39 -29.10 -6.75 -0.42
N THR B 40 -30.05 -6.90 0.49
CA THR B 40 -31.01 -7.93 0.35
C THR B 40 -32.00 -7.73 -0.81
N SER B 41 -32.33 -6.47 -1.14
CA SER B 41 -33.17 -6.19 -2.35
C SER B 41 -32.42 -6.50 -3.61
N LYS B 42 -31.18 -6.06 -3.70
CA LYS B 42 -30.37 -6.36 -4.92
C LYS B 42 -30.11 -7.80 -5.13
N ALA B 43 -29.99 -8.49 -4.01
CA ALA B 43 -29.78 -9.92 -3.93
C ALA B 43 -31.02 -10.74 -4.28
N GLY B 44 -32.20 -10.14 -4.11
CA GLY B 44 -33.41 -10.88 -4.29
C GLY B 44 -33.60 -11.90 -3.22
N VAL B 45 -33.33 -11.56 -1.96
CA VAL B 45 -33.57 -12.53 -0.84
C VAL B 45 -34.26 -11.81 0.31
N ALA B 46 -34.95 -12.57 1.14
CA ALA B 46 -35.64 -11.99 2.31
C ALA B 46 -34.72 -11.19 3.20
N TYR B 47 -35.15 -9.99 3.57
CA TYR B 47 -34.35 -9.06 4.37
C TYR B 47 -33.69 -9.74 5.61
N GLY B 48 -34.51 -10.50 6.36
CA GLY B 48 -34.06 -11.09 7.63
C GLY B 48 -32.96 -12.12 7.43
N LEU B 49 -32.84 -12.68 6.24
CA LEU B 49 -31.82 -13.68 6.04
C LEU B 49 -30.45 -13.13 6.21
N PHE B 50 -30.25 -11.83 6.00
CA PHE B 50 -28.91 -11.28 6.08
C PHE B 50 -28.37 -11.53 7.50
N TYR B 51 -29.23 -11.28 8.50
CA TYR B 51 -28.85 -11.38 9.90
C TYR B 51 -28.55 -12.79 10.32
N PHE B 52 -29.12 -13.80 9.67
CA PHE B 52 -28.72 -15.16 9.89
C PHE B 52 -27.28 -15.43 9.44
N TYR B 53 -26.85 -14.84 8.31
CA TYR B 53 -25.50 -15.09 7.81
C TYR B 53 -24.48 -14.18 8.47
N PHE B 54 -24.87 -12.97 8.88
CA PHE B 54 -23.97 -11.98 9.40
C PHE B 54 -24.57 -11.23 10.57
N LYS B 55 -23.91 -11.22 11.72
CA LYS B 55 -24.37 -10.37 12.85
C LYS B 55 -24.50 -8.92 12.45
N SER B 56 -23.51 -8.41 11.74
CA SER B 56 -23.50 -7.00 11.41
C SER B 56 -23.01 -6.86 10.03
N LYS B 57 -23.17 -5.64 9.54
CA LYS B 57 -22.71 -5.24 8.22
C LYS B 57 -21.21 -5.41 8.11
N HIS B 58 -20.48 -5.09 9.19
CA HIS B 58 -19.03 -5.21 9.23
C HIS B 58 -18.58 -6.62 8.99
N ASP B 59 -19.36 -7.62 9.43
CA ASP B 59 -18.99 -9.02 9.26
C ASP B 59 -18.96 -9.50 7.79
N ILE B 60 -19.72 -8.81 6.94
CA ILE B 60 -19.74 -9.17 5.53
C ILE B 60 -18.47 -8.64 4.82
N LEU B 61 -17.88 -7.50 5.25
CA LEU B 61 -16.49 -7.16 4.85
C LEU B 61 -15.51 -8.23 5.07
N ASP B 62 -15.51 -8.86 6.25
CA ASP B 62 -14.59 -10.00 6.47
C ASP B 62 -14.77 -11.13 5.45
N GLU B 63 -16.02 -11.49 5.15
CA GLU B 63 -16.25 -12.57 4.19
C GLU B 63 -15.86 -12.19 2.73
N ILE B 64 -16.13 -10.96 2.33
CA ILE B 64 -15.76 -10.45 1.00
C ILE B 64 -14.22 -10.57 0.86
N ILE B 65 -13.50 -10.09 1.88
CA ILE B 65 -12.01 -10.02 1.81
C ILE B 65 -11.46 -11.46 1.76
N ARG B 66 -12.00 -12.35 2.58
CA ARG B 66 -11.64 -13.77 2.43
C ARG B 66 -11.81 -14.32 1.03
N GLN B 67 -12.94 -14.01 0.41
CA GLN B 67 -13.26 -14.53 -0.97
C GLN B 67 -12.32 -13.96 -2.01
N PHE B 68 -12.07 -12.65 -1.94
CA PHE B 68 -11.11 -12.00 -2.87
C PHE B 68 -9.69 -12.56 -2.70
N ASN B 69 -9.30 -12.84 -1.45
CA ASN B 69 -7.99 -13.39 -1.15
C ASN B 69 -7.79 -14.74 -1.77
N ARG B 70 -8.71 -15.67 -1.48
CA ARG B 70 -8.80 -16.99 -2.09
C ARG B 70 -8.78 -16.98 -3.61
N ASN B 71 -9.58 -16.10 -4.22
CA ASN B 71 -9.75 -16.09 -5.66
C ASN B 71 -8.52 -15.51 -6.31
N MET B 72 -7.95 -14.46 -5.71
CA MET B 72 -6.66 -13.88 -6.24
C MET B 72 -5.58 -14.98 -6.19
N ARG B 73 -5.48 -15.66 -5.07
CA ARG B 73 -4.42 -16.63 -4.90
C ARG B 73 -4.63 -17.83 -5.81
N TYR B 74 -5.88 -18.24 -6.01
CA TYR B 74 -6.21 -19.31 -6.98
C TYR B 74 -5.85 -18.93 -8.41
N TYR B 75 -6.27 -17.76 -8.84
CA TYR B 75 -5.91 -17.24 -10.14
C TYR B 75 -4.37 -17.28 -10.36
N LEU B 76 -3.60 -16.77 -9.41
CA LEU B 76 -2.12 -16.68 -9.59
C LEU B 76 -1.45 -18.04 -9.59
N LYS B 77 -1.86 -18.91 -8.68
CA LYS B 77 -1.37 -20.32 -8.57
C LYS B 77 -1.53 -21.04 -9.90
N THR B 78 -2.69 -20.81 -10.52
CA THR B 78 -3.07 -21.33 -11.85
C THR B 78 -1.98 -21.04 -12.87
N TYR B 79 -1.40 -19.84 -12.85
CA TYR B 79 -0.29 -19.49 -13.76
C TYR B 79 1.07 -19.90 -13.27
N THR B 80 1.22 -20.06 -11.98
CA THR B 80 2.53 -20.30 -11.42
C THR B 80 2.78 -21.76 -11.09
N GLN B 81 1.74 -22.57 -10.88
CA GLN B 81 1.87 -24.07 -10.79
C GLN B 81 2.73 -24.75 -11.86
N ASN B 82 2.60 -24.28 -13.08
CA ASN B 82 3.26 -24.91 -14.20
C ASN B 82 4.75 -24.55 -14.36
N LEU B 83 5.30 -23.65 -13.53
CA LEU B 83 6.70 -23.18 -13.67
C LEU B 83 7.67 -23.66 -12.57
N ASP B 84 8.74 -24.35 -12.95
CA ASP B 84 9.70 -24.89 -11.98
C ASP B 84 10.67 -23.89 -11.41
N SER B 85 10.96 -22.85 -12.18
CA SER B 85 11.96 -21.88 -11.76
C SER B 85 11.18 -20.88 -10.92
N ARG B 86 11.66 -20.58 -9.72
CA ARG B 86 10.98 -19.61 -8.86
C ARG B 86 11.14 -18.22 -9.44
N ILE B 87 12.31 -17.95 -9.98
CA ILE B 87 12.52 -16.68 -10.73
C ILE B 87 11.42 -16.48 -11.79
N ASP B 88 11.06 -17.55 -12.54
CA ASP B 88 9.94 -17.46 -13.50
C ASP B 88 8.57 -17.29 -12.82
N VAL B 89 8.37 -17.95 -11.71
CA VAL B 89 7.15 -17.76 -10.92
C VAL B 89 6.99 -16.31 -10.49
N GLU B 90 8.06 -15.67 -10.08
CA GLU B 90 7.98 -14.28 -9.67
C GLU B 90 7.74 -13.32 -10.83
N LYS B 91 8.42 -13.50 -11.96
CA LYS B 91 8.14 -12.61 -13.11
C LYS B 91 6.72 -12.73 -13.64
N VAL B 92 6.30 -13.95 -13.84
CA VAL B 92 4.99 -14.25 -14.39
C VAL B 92 3.89 -13.86 -13.41
N GLY B 93 4.07 -14.21 -12.13
CA GLY B 93 3.04 -13.91 -11.09
C GLY B 93 2.81 -12.43 -10.93
N MET B 94 3.88 -11.67 -10.95
CA MET B 94 3.75 -10.21 -10.94
C MET B 94 2.90 -9.71 -12.12
N LYS B 95 3.21 -10.20 -13.31
CA LYS B 95 2.44 -9.86 -14.52
C LYS B 95 1.01 -10.25 -14.42
N LYS B 96 0.80 -11.48 -13.98
CA LYS B 96 -0.56 -11.93 -13.75
C LYS B 96 -1.29 -11.15 -12.68
N PHE B 97 -0.58 -10.70 -11.64
CA PHE B 97 -1.24 -9.85 -10.64
C PHE B 97 -1.75 -8.54 -11.29
N LEU B 98 -0.91 -7.88 -12.05
CA LEU B 98 -1.34 -6.65 -12.73
C LEU B 98 -2.58 -6.85 -13.64
N GLU B 99 -2.64 -8.00 -14.31
CA GLU B 99 -3.76 -8.35 -15.14
C GLU B 99 -5.03 -8.58 -14.29
N TRP B 100 -4.90 -9.33 -13.21
CA TRP B 100 -6.02 -9.55 -12.24
C TRP B 100 -6.51 -8.23 -11.64
N MET B 101 -5.59 -7.38 -11.25
CA MET B 101 -5.91 -6.13 -10.63
C MET B 101 -6.68 -5.23 -11.65
N ASN B 102 -6.31 -5.35 -12.93
CA ASN B 102 -7.03 -4.62 -14.00
C ASN B 102 -8.49 -5.12 -14.12
N GLU B 103 -8.66 -6.42 -14.12
CA GLU B 103 -9.93 -7.07 -14.21
C GLU B 103 -10.82 -6.78 -12.99
N ASN B 104 -10.24 -6.61 -11.79
CA ASN B 104 -10.99 -6.40 -10.53
C ASN B 104 -10.89 -4.98 -9.95
N LYS B 105 -10.49 -4.08 -10.83
CA LYS B 105 -10.16 -2.70 -10.50
C LYS B 105 -11.33 -1.98 -9.78
N LYS B 106 -12.55 -2.18 -10.24
CA LYS B 106 -13.69 -1.44 -9.64
C LYS B 106 -13.95 -1.85 -8.20
N TYR B 107 -13.46 -3.01 -7.84
CA TYR B 107 -13.55 -3.46 -6.48
C TYR B 107 -12.56 -2.92 -5.46
N TYR B 108 -11.52 -2.22 -5.91
CA TYR B 108 -10.46 -1.87 -5.04
C TYR B 108 -10.94 -0.92 -3.92
N LYS B 109 -12.01 -0.17 -4.17
CA LYS B 109 -12.60 0.66 -3.12
C LYS B 109 -12.99 -0.13 -1.85
N ILE B 110 -13.41 -1.37 -2.04
CA ILE B 110 -13.77 -2.21 -0.94
C ILE B 110 -12.55 -2.41 -0.01
N PHE B 111 -11.41 -2.69 -0.61
CA PHE B 111 -10.18 -2.91 0.14
C PHE B 111 -9.77 -1.65 0.90
N ILE B 112 -9.88 -0.50 0.25
CA ILE B 112 -9.57 0.77 0.87
C ILE B 112 -10.43 1.03 2.12
N GLU B 113 -11.73 0.80 2.01
CA GLU B 113 -12.59 1.04 3.17
C GLU B 113 -12.48 -0.02 4.20
N THR B 114 -12.07 -1.22 3.81
CA THR B 114 -11.77 -2.27 4.80
C THR B 114 -10.61 -1.86 5.78
N GLN B 115 -9.59 -1.19 5.29
CA GLN B 115 -8.55 -0.65 6.15
C GLN B 115 -9.08 0.25 7.25
N VAL B 116 -10.11 1.05 6.95
CA VAL B 116 -10.74 1.85 7.97
C VAL B 116 -11.71 1.07 8.84
N HIS B 117 -12.56 0.25 8.24
CA HIS B 117 -13.73 -0.29 8.93
C HIS B 117 -13.49 -1.69 9.54
N ARG B 118 -12.60 -2.50 8.96
CA ARG B 118 -12.25 -3.80 9.46
C ARG B 118 -10.74 -4.03 9.35
N PRO B 119 -9.96 -3.25 10.12
CA PRO B 119 -8.48 -3.33 9.95
C PRO B 119 -7.85 -4.67 10.25
N ASP B 120 -8.49 -5.53 11.04
CA ASP B 120 -7.94 -6.86 11.30
C ASP B 120 -8.01 -7.77 10.09
N ILE B 121 -9.04 -7.65 9.27
CA ILE B 121 -9.13 -8.46 8.03
C ILE B 121 -8.24 -7.93 6.87
N TYR B 122 -8.05 -6.63 6.83
CA TYR B 122 -7.11 -6.01 5.92
C TYR B 122 -5.72 -6.56 6.13
N LYS B 123 -5.26 -6.59 7.37
CA LYS B 123 -3.98 -7.20 7.79
C LYS B 123 -3.92 -8.64 7.55
N TRP B 124 -5.01 -9.34 7.89
CA TRP B 124 -5.11 -10.77 7.61
C TRP B 124 -4.85 -11.09 6.11
N HIS B 125 -5.45 -10.32 5.21
CA HIS B 125 -5.26 -10.57 3.79
C HIS B 125 -3.73 -10.66 3.40
N PHE B 126 -2.97 -9.67 3.85
CA PHE B 126 -1.51 -9.59 3.63
C PHE B 126 -0.70 -10.60 4.32
N MET B 127 -1.08 -10.88 5.56
CA MET B 127 -0.45 -11.99 6.31
C MET B 127 -0.71 -13.36 5.73
N LYS B 128 -1.92 -13.61 5.25
CA LYS B 128 -2.22 -14.85 4.61
C LYS B 128 -1.46 -15.06 3.32
N LEU B 129 -1.42 -14.00 2.54
CA LEU B 129 -0.68 -14.02 1.31
C LEU B 129 0.81 -14.29 1.61
N ALA B 130 1.38 -13.55 2.57
CA ALA B 130 2.81 -13.74 2.89
C ALA B 130 3.12 -15.16 3.39
N GLU B 131 2.18 -15.75 4.11
CA GLU B 131 2.29 -17.13 4.63
C GLU B 131 2.51 -18.15 3.53
N ARG B 132 1.69 -18.01 2.48
CA ARG B 132 1.79 -18.83 1.28
C ARG B 132 3.04 -18.51 0.47
N TYR B 133 3.32 -17.22 0.33
CA TYR B 133 4.53 -16.78 -0.36
C TYR B 133 5.85 -17.30 0.31
N THR B 134 5.87 -17.30 1.63
CA THR B 134 7.07 -17.57 2.41
C THR B 134 7.52 -19.00 2.17
N THR B 135 6.56 -19.92 2.19
CA THR B 135 6.80 -21.34 1.89
C THR B 135 7.49 -21.50 0.50
N GLY B 136 6.95 -20.84 -0.53
CA GLY B 136 7.52 -21.01 -1.85
C GLY B 136 8.92 -20.45 -1.96
N LEU B 137 9.19 -19.33 -1.28
CA LEU B 137 10.52 -18.76 -1.33
C LEU B 137 11.62 -19.59 -0.57
N SER B 138 11.37 -20.07 0.67
CA SER B 138 12.46 -20.81 1.38
C SER B 138 12.84 -22.11 0.61
N GLU B 139 11.86 -22.78 -0.01
CA GLU B 139 12.13 -23.85 -1.01
C GLU B 139 13.20 -23.45 -2.07
N ALA B 140 13.04 -22.29 -2.68
CA ALA B 140 13.96 -21.84 -3.74
C ALA B 140 15.33 -21.46 -3.23
N MET B 141 15.34 -20.96 -1.99
CA MET B 141 16.57 -20.57 -1.32
C MET B 141 17.44 -21.82 -1.03
N ARG B 142 16.77 -22.94 -0.72
CA ARG B 142 17.42 -24.18 -0.36
C ARG B 142 18.21 -24.68 -1.54
N ARG B 143 17.63 -24.56 -2.75
CA ARG B 143 18.22 -25.01 -4.01
C ARG B 143 19.19 -24.03 -4.62
N GLY B 144 19.39 -22.92 -3.92
CA GLY B 144 20.31 -21.90 -4.37
C GLY B 144 19.78 -21.10 -5.56
N GLU B 145 18.49 -21.24 -5.91
CA GLU B 145 17.86 -20.45 -6.99
C GLU B 145 17.92 -18.97 -6.59
N ILE B 146 17.58 -18.67 -5.34
CA ILE B 146 17.50 -17.26 -4.95
C ILE B 146 18.28 -16.97 -3.70
N ILE B 147 18.61 -15.70 -3.54
CA ILE B 147 19.35 -15.15 -2.40
C ILE B 147 18.80 -15.68 -1.08
N ASN B 148 19.70 -16.06 -0.16
CA ASN B 148 19.27 -16.68 1.07
C ASN B 148 19.11 -15.58 2.10
N VAL B 149 17.87 -15.19 2.37
CA VAL B 149 17.50 -14.10 3.30
C VAL B 149 16.22 -14.55 4.00
N ASP B 150 15.76 -13.74 4.95
CA ASP B 150 14.53 -14.09 5.71
C ASP B 150 13.36 -14.15 4.66
N PRO B 151 12.73 -15.32 4.54
CA PRO B 151 11.77 -15.47 3.48
C PRO B 151 10.47 -14.70 3.70
N GLU B 152 10.10 -14.44 4.97
CA GLU B 152 8.93 -13.57 5.22
C GLU B 152 9.22 -12.12 4.84
N LEU B 153 10.41 -11.64 5.13
CA LEU B 153 10.78 -10.28 4.76
C LEU B 153 10.76 -10.13 3.23
N LEU B 154 11.34 -11.11 2.55
CA LEU B 154 11.33 -11.15 1.09
C LEU B 154 9.92 -11.17 0.46
N SER B 155 9.02 -11.97 1.04
CA SER B 155 7.62 -11.94 0.74
C SER B 155 7.04 -10.55 0.70
N TYR B 156 7.28 -9.80 1.78
CA TYR B 156 6.75 -8.49 1.95
C TYR B 156 7.40 -7.53 1.03
N VAL B 157 8.65 -7.73 0.66
CA VAL B 157 9.28 -6.86 -0.36
C VAL B 157 8.55 -7.03 -1.72
N LEU B 158 8.27 -8.29 -2.11
CA LEU B 158 7.71 -8.61 -3.42
C LEU B 158 6.20 -8.26 -3.48
N ILE B 159 5.50 -8.48 -2.38
CA ILE B 159 4.10 -8.07 -2.21
C ILE B 159 4.01 -6.55 -2.26
N GLY B 160 4.94 -5.86 -1.58
CA GLY B 160 5.02 -4.45 -1.62
C GLY B 160 5.17 -3.82 -3.00
N ILE B 161 6.11 -4.37 -3.77
CA ILE B 161 6.25 -4.00 -5.21
C ILE B 161 4.93 -4.23 -5.95
N ALA B 162 4.37 -5.43 -5.83
CA ALA B 162 3.16 -5.76 -6.57
C ALA B 162 2.01 -4.78 -6.26
N HIS B 163 1.84 -4.46 -5.00
CA HIS B 163 0.79 -3.60 -4.58
C HIS B 163 0.96 -2.14 -5.14
N MET B 164 2.14 -1.55 -4.96
CA MET B 164 2.44 -0.17 -5.44
C MET B 164 2.32 -0.08 -7.00
N LEU B 165 2.83 -1.10 -7.70
CA LEU B 165 2.67 -1.13 -9.16
C LEU B 165 1.20 -1.23 -9.60
N GLY B 166 0.37 -2.04 -8.95
CA GLY B 166 -1.04 -2.06 -9.23
C GLY B 166 -1.66 -0.70 -9.02
N LYS B 167 -1.25 -0.04 -7.94
CA LYS B 167 -1.81 1.28 -7.67
C LYS B 167 -1.41 2.25 -8.77
N ARG B 168 -0.12 2.36 -9.03
CA ARG B 168 0.35 3.37 -9.97
C ARG B 168 -0.09 3.07 -11.43
N TYR B 169 0.07 1.81 -11.85
CA TYR B 169 -0.07 1.43 -13.28
C TYR B 169 -1.42 0.78 -13.66
N VAL B 170 -2.21 0.44 -12.67
CA VAL B 170 -3.52 -0.08 -12.93
C VAL B 170 -4.66 0.73 -12.35
N LEU B 171 -4.56 1.27 -11.14
CA LEU B 171 -5.70 1.96 -10.49
C LEU B 171 -5.69 3.46 -10.70
N TRP B 172 -4.52 4.07 -10.71
CA TRP B 172 -4.40 5.51 -10.82
C TRP B 172 -4.28 5.94 -12.26
N SER B 173 -3.78 5.05 -13.12
CA SER B 173 -3.96 5.18 -14.54
C SER B 173 -4.51 3.85 -15.05
N ASN B 174 -5.19 3.84 -16.19
CA ASN B 174 -5.50 2.56 -16.86
C ASN B 174 -4.58 2.33 -18.07
N SER B 175 -3.45 3.05 -18.14
CA SER B 175 -2.43 2.86 -19.17
C SER B 175 -1.79 1.48 -19.13
N GLY B 176 -1.48 0.99 -17.92
CA GLY B 176 -0.75 -0.27 -17.73
C GLY B 176 0.72 -0.03 -17.98
N LEU B 177 1.51 -1.08 -17.83
CA LEU B 177 2.94 -1.04 -18.20
C LEU B 177 3.11 -1.28 -19.70
N THR B 178 4.00 -0.52 -20.32
CA THR B 178 4.49 -0.85 -21.66
C THR B 178 5.24 -2.16 -21.69
N LEU B 179 5.47 -2.61 -22.91
CA LEU B 179 6.21 -3.78 -23.13
C LEU B 179 7.64 -3.58 -22.62
N LYS B 180 8.23 -2.40 -22.87
CA LYS B 180 9.57 -2.11 -22.37
C LYS B 180 9.61 -2.13 -20.82
N GLN B 181 8.62 -1.52 -20.19
CA GLN B 181 8.50 -1.47 -18.71
C GLN B 181 8.36 -2.86 -18.12
N GLN B 182 7.56 -3.71 -18.77
CA GLN B 182 7.47 -5.13 -18.42
C GLN B 182 8.77 -5.85 -18.48
N ARG B 183 9.61 -5.54 -19.45
CA ARG B 183 10.93 -6.19 -19.49
C ARG B 183 11.85 -5.61 -18.44
N ASP B 184 11.75 -4.29 -18.21
CA ASP B 184 12.48 -3.62 -17.15
C ASP B 184 12.12 -4.29 -15.78
N LEU B 185 10.83 -4.49 -15.54
CA LEU B 185 10.41 -5.13 -14.30
C LEU B 185 10.93 -6.54 -14.16
N ASP B 186 10.98 -7.26 -15.28
CA ASP B 186 11.58 -8.62 -15.31
C ASP B 186 13.04 -8.59 -14.87
N LEU B 187 13.77 -7.65 -15.42
CA LEU B 187 15.17 -7.48 -15.06
C LEU B 187 15.34 -7.11 -13.56
N ILE B 188 14.53 -6.19 -13.06
CA ILE B 188 14.57 -5.78 -11.66
C ILE B 188 14.39 -6.95 -10.73
N ILE B 189 13.41 -7.78 -11.04
CA ILE B 189 13.12 -8.99 -10.30
C ILE B 189 14.26 -10.01 -10.36
N GLU B 190 14.75 -10.26 -11.56
CA GLU B 190 15.81 -11.23 -11.78
C GLU B 190 17.08 -10.76 -11.07
N ASN B 191 17.36 -9.45 -11.15
CA ASN B 191 18.55 -8.88 -10.49
C ASN B 191 18.48 -8.98 -8.95
N MET B 192 17.30 -8.63 -8.41
CA MET B 192 17.10 -8.71 -6.97
C MET B 192 17.32 -10.12 -6.46
N LEU B 193 16.75 -11.12 -7.14
CA LEU B 193 16.65 -12.49 -6.63
C LEU B 193 17.84 -13.46 -6.94
N THR B 194 18.62 -13.15 -7.97
CA THR B 194 19.71 -14.06 -8.44
C THR B 194 21.00 -13.71 -7.67
N PRO B 195 21.57 -14.68 -6.96
CA PRO B 195 22.93 -14.42 -6.35
C PRO B 195 24.08 -14.27 -7.36
#